data_4HOU
#
_entry.id   4HOU
#
_cell.length_a   84.470
_cell.length_b   176.952
_cell.length_c   55.143
_cell.angle_alpha   90.00
_cell.angle_beta   130.13
_cell.angle_gamma   90.00
#
_symmetry.space_group_name_H-M   'C 1 2 1'
#
loop_
_entity.id
_entity.type
_entity.pdbx_description
1 polymer 'Interferon-induced protein with tetratricopeptide repeats 1'
2 water water
#
_entity_poly.entity_id   1
_entity_poly.type   'polypeptide(L)'
_entity_poly.pdbx_seq_one_letter_code
;DHQVKDSLEQLRCHFTWELSIDDDE(MSE)PDLENRVLDQIEFLDTKYSVGIHNLLAYVKHLKGQNEEALKSLKEAENL
(MSE)QEEHDNQANVRSLVTWGNFAW(MSE)YYH(MSE)GRLAEAQTYLDKVENICKKLSNPFRYR(MSE)ECPEIDCEE
GWALLKCGGKNYERAKACFEKVLEVDPENPESSAGYAISAYRLDGFKLATKNHKPFSLLPLRQAVRLNPDNGYIKVLLAL
KLQDEGQEAEGEKYIEEALAN(MSE)SSQTYVFRYAAKFYRRKGSVDKALELLKKALQ
;
_entity_poly.pdbx_strand_id   A,B
#
# COMPACT_ATOMS: atom_id res chain seq x y z
N VAL A 4 9.23 0.78 -7.47
CA VAL A 4 7.91 0.19 -7.52
C VAL A 4 6.83 1.20 -7.13
N LYS A 5 7.01 1.85 -5.99
CA LYS A 5 6.06 2.85 -5.50
C LYS A 5 5.99 4.03 -6.45
N ASP A 6 7.14 4.39 -7.02
CA ASP A 6 7.22 5.46 -8.01
C ASP A 6 6.33 5.14 -9.21
N SER A 7 6.35 3.89 -9.63
CA SER A 7 5.51 3.44 -10.73
C SER A 7 4.02 3.50 -10.38
N LEU A 8 3.66 3.04 -9.18
CA LEU A 8 2.25 3.00 -8.77
C LEU A 8 1.63 4.39 -8.69
N GLU A 9 2.40 5.36 -8.23
CA GLU A 9 1.85 6.71 -8.11
C GLU A 9 1.57 7.31 -9.49
N GLN A 10 2.20 6.76 -10.52
CA GLN A 10 2.01 7.28 -11.87
C GLN A 10 0.75 6.73 -12.53
N LEU A 11 0.18 5.67 -11.96
CA LEU A 11 -1.06 5.10 -12.50
C LEU A 11 -2.26 6.03 -12.32
N ARG A 12 -3.21 5.94 -13.25
CA ARG A 12 -4.52 6.58 -13.11
C ARG A 12 -5.56 5.53 -12.73
N CYS A 13 -5.93 5.51 -11.45
CA CYS A 13 -6.90 4.53 -10.96
C CYS A 13 -7.44 5.01 -9.63
N HIS A 14 -8.34 4.21 -9.03
CA HIS A 14 -8.96 4.59 -7.78
C HIS A 14 -7.95 4.92 -6.69
N PHE A 15 -6.86 4.17 -6.63
CA PHE A 15 -5.82 4.41 -5.64
C PHE A 15 -5.05 5.72 -5.78
N THR A 16 -5.06 6.31 -6.98
CA THR A 16 -4.39 7.61 -7.15
C THR A 16 -5.36 8.77 -7.42
N TRP A 17 -6.67 8.53 -7.41
CA TRP A 17 -7.59 9.62 -7.75
C TRP A 17 -8.04 10.49 -6.56
N GLU A 18 -7.48 10.25 -5.37
CA GLU A 18 -7.86 11.03 -4.18
C GLU A 18 -9.37 11.21 -4.06
N LEU A 19 -10.07 10.09 -4.08
CA LEU A 19 -11.51 10.09 -3.95
C LEU A 19 -11.82 10.54 -2.54
N SER A 20 -12.76 11.48 -2.41
CA SER A 20 -13.08 11.99 -1.08
C SER A 20 -14.19 11.18 -0.45
N ILE A 21 -13.87 10.49 0.65
CA ILE A 21 -14.86 9.73 1.37
C ILE A 21 -14.66 9.99 2.86
N ASP A 22 -15.49 10.81 3.51
CA ASP A 22 -15.26 10.98 4.96
C ASP A 22 -15.81 9.81 5.78
N ASP A 23 -15.26 9.66 6.98
CA ASP A 23 -15.52 8.54 7.87
C ASP A 23 -17.00 8.19 8.05
N ASP A 24 -17.84 9.22 8.12
CA ASP A 24 -19.27 9.06 8.31
C ASP A 24 -19.96 8.44 7.10
N GLU A 25 -19.29 8.47 5.95
CA GLU A 25 -19.89 7.88 4.78
C GLU A 25 -19.53 6.39 4.67
N PRO A 27 -19.50 3.53 6.50
CA PRO A 27 -20.28 2.32 6.83
C PRO A 27 -21.33 1.94 5.78
N ASP A 28 -21.92 2.92 5.11
CA ASP A 28 -22.99 2.62 4.16
C ASP A 28 -22.57 2.69 2.69
N LEU A 29 -21.34 3.13 2.41
CA LEU A 29 -20.90 3.36 1.03
C LEU A 29 -21.12 2.20 0.07
N GLU A 30 -20.64 1.01 0.45
CA GLU A 30 -20.73 -0.15 -0.42
C GLU A 30 -22.16 -0.47 -0.84
N ASN A 31 -23.07 -0.50 0.14
CA ASN A 31 -24.49 -0.71 -0.15
C ASN A 31 -25.04 0.38 -1.05
N ARG A 32 -24.73 1.62 -0.68
CA ARG A 32 -25.19 2.81 -1.43
C ARG A 32 -24.75 2.74 -2.89
N VAL A 33 -23.53 2.28 -3.12
CA VAL A 33 -23.02 2.12 -4.48
C VAL A 33 -23.83 1.05 -5.23
N LEU A 34 -24.07 -0.09 -4.57
CA LEU A 34 -24.77 -1.21 -5.19
C LEU A 34 -26.26 -0.99 -5.41
N ASP A 35 -26.88 -0.17 -4.56
CA ASP A 35 -28.32 0.07 -4.59
C ASP A 35 -28.75 0.86 -5.81
N GLN A 36 -27.79 1.54 -6.43
CA GLN A 36 -28.14 2.45 -7.51
C GLN A 36 -27.18 2.33 -8.69
N ILE A 37 -27.42 1.32 -9.51
CA ILE A 37 -26.70 1.11 -10.74
C ILE A 37 -27.38 1.92 -11.85
N GLU A 38 -26.74 3.01 -12.26
CA GLU A 38 -27.36 3.98 -13.17
C GLU A 38 -27.43 3.48 -14.63
N PHE A 39 -26.44 2.69 -15.04
CA PHE A 39 -26.41 2.10 -16.37
C PHE A 39 -26.13 0.60 -16.27
N LEU A 40 -26.57 -0.17 -17.26
CA LEU A 40 -26.45 -1.63 -17.21
C LEU A 40 -25.37 -2.23 -18.11
N ASP A 41 -24.77 -1.41 -18.96
CA ASP A 41 -23.70 -1.91 -19.83
C ASP A 41 -22.51 -2.43 -19.01
N THR A 42 -21.70 -3.30 -19.61
CA THR A 42 -20.66 -3.99 -18.88
C THR A 42 -19.57 -3.04 -18.38
N LYS A 43 -19.16 -2.07 -19.21
CA LYS A 43 -18.11 -1.11 -18.81
C LYS A 43 -18.47 -0.36 -17.52
N TYR A 44 -19.76 -0.11 -17.31
CA TYR A 44 -20.18 0.59 -16.10
C TYR A 44 -20.13 -0.37 -14.91
N SER A 45 -20.45 -1.62 -15.16
CA SER A 45 -20.38 -2.64 -14.13
C SER A 45 -18.92 -2.93 -13.73
N VAL A 46 -18.01 -2.92 -14.71
CA VAL A 46 -16.59 -3.01 -14.38
C VAL A 46 -16.15 -1.85 -13.48
N GLY A 47 -16.66 -0.66 -13.77
CA GLY A 47 -16.33 0.50 -12.98
C GLY A 47 -16.81 0.32 -11.55
N ILE A 48 -18.01 -0.23 -11.39
CA ILE A 48 -18.53 -0.51 -10.05
C ILE A 48 -17.64 -1.49 -9.27
N HIS A 49 -17.24 -2.57 -9.91
CA HIS A 49 -16.40 -3.56 -9.24
C HIS A 49 -15.08 -2.93 -8.82
N ASN A 50 -14.52 -2.07 -9.65
CA ASN A 50 -13.28 -1.41 -9.29
C ASN A 50 -13.48 -0.50 -8.08
N LEU A 51 -14.57 0.25 -8.09
CA LEU A 51 -14.82 1.15 -6.96
C LEU A 51 -15.05 0.37 -5.69
N LEU A 52 -15.83 -0.72 -5.79
CA LEU A 52 -16.01 -1.59 -4.63
C LEU A 52 -14.71 -2.15 -4.08
N ALA A 53 -13.77 -2.51 -4.96
CA ALA A 53 -12.48 -3.03 -4.48
C ALA A 53 -11.76 -1.99 -3.64
N TYR A 54 -11.78 -0.75 -4.12
CA TYR A 54 -11.09 0.30 -3.42
C TYR A 54 -11.74 0.54 -2.07
N VAL A 55 -13.06 0.61 -2.05
CA VAL A 55 -13.82 0.82 -0.81
C VAL A 55 -13.57 -0.34 0.15
N LYS A 56 -13.52 -1.55 -0.38
CA LYS A 56 -13.27 -2.71 0.50
C LYS A 56 -11.88 -2.64 1.13
N HIS A 57 -10.90 -2.21 0.34
CA HIS A 57 -9.55 -2.03 0.88
C HIS A 57 -9.60 -1.04 2.05
N LEU A 58 -10.26 0.10 1.83
CA LEU A 58 -10.38 1.11 2.90
C LEU A 58 -11.13 0.65 4.15
N LYS A 59 -11.95 -0.39 4.02
CA LYS A 59 -12.62 -0.95 5.16
C LYS A 59 -11.79 -2.08 5.79
N GLY A 60 -10.55 -2.23 5.32
CA GLY A 60 -9.66 -3.25 5.85
C GLY A 60 -9.94 -4.67 5.36
N GLN A 61 -10.47 -4.78 4.14
CA GLN A 61 -10.97 -6.06 3.63
C GLN A 61 -10.19 -6.44 2.36
N ASN A 62 -8.89 -6.66 2.49
CA ASN A 62 -8.08 -6.85 1.27
C ASN A 62 -8.48 -8.11 0.48
N GLU A 63 -8.84 -9.16 1.18
CA GLU A 63 -9.25 -10.38 0.48
C GLU A 63 -10.49 -10.12 -0.37
N GLU A 64 -11.46 -9.43 0.22
CA GLU A 64 -12.68 -9.10 -0.52
C GLU A 64 -12.41 -8.10 -1.63
N ALA A 65 -11.50 -7.15 -1.39
CA ALA A 65 -11.14 -6.18 -2.42
C ALA A 65 -10.60 -6.90 -3.68
N LEU A 66 -9.71 -7.84 -3.47
CA LEU A 66 -9.11 -8.60 -4.58
C LEU A 66 -10.17 -9.37 -5.37
N LYS A 67 -11.14 -9.96 -4.67
CA LYS A 67 -12.21 -10.68 -5.34
C LYS A 67 -13.01 -9.77 -6.25
N SER A 68 -13.19 -8.52 -5.84
CA SER A 68 -13.96 -7.56 -6.66
C SER A 68 -13.21 -7.25 -7.95
N LEU A 69 -11.89 -7.11 -7.84
CA LEU A 69 -11.03 -6.88 -9.01
C LEU A 69 -11.04 -8.08 -9.96
N LYS A 70 -11.06 -9.29 -9.41
CA LYS A 70 -11.16 -10.49 -10.26
C LYS A 70 -12.51 -10.56 -10.98
N GLU A 71 -13.55 -10.05 -10.33
CA GLU A 71 -14.86 -9.98 -10.97
C GLU A 71 -14.85 -8.99 -12.14
N ALA A 72 -14.21 -7.85 -11.94
CA ALA A 72 -14.00 -6.89 -13.02
C ALA A 72 -13.17 -7.50 -14.15
N GLU A 73 -12.07 -8.16 -13.79
CA GLU A 73 -11.24 -8.84 -14.79
C GLU A 73 -12.04 -9.84 -15.61
N ASN A 74 -12.78 -10.71 -14.94
CA ASN A 74 -13.60 -11.73 -15.59
C ASN A 74 -14.65 -11.16 -16.53
N LEU A 75 -15.24 -10.01 -16.19
CA LEU A 75 -16.27 -9.43 -17.07
C LEU A 75 -15.66 -8.94 -18.38
N GLN A 77 -12.96 -10.13 -19.77
CA GLN A 77 -12.60 -11.37 -20.48
C GLN A 77 -13.58 -11.71 -21.59
N GLU A 78 -14.82 -11.27 -21.42
CA GLU A 78 -15.84 -11.33 -22.47
C GLU A 78 -16.11 -9.94 -23.02
N ASN A 85 -8.33 -3.02 -24.88
CA ASN A 85 -8.92 -1.69 -24.91
C ASN A 85 -8.53 -0.86 -23.69
N VAL A 86 -8.19 0.42 -23.94
CA VAL A 86 -7.73 1.35 -22.91
C VAL A 86 -8.51 1.27 -21.58
N ARG A 87 -9.66 0.63 -21.62
CA ARG A 87 -10.51 0.51 -20.43
C ARG A 87 -10.19 -0.68 -19.53
N SER A 88 -9.01 -1.28 -19.70
CA SER A 88 -8.56 -2.31 -18.77
C SER A 88 -7.50 -1.70 -17.87
N LEU A 89 -7.02 -0.52 -18.27
CA LEU A 89 -5.95 0.16 -17.55
C LEU A 89 -6.31 0.42 -16.09
N VAL A 90 -7.57 0.79 -15.84
CA VAL A 90 -7.97 1.13 -14.48
C VAL A 90 -7.97 -0.12 -13.63
N THR A 91 -8.55 -1.20 -14.14
CA THR A 91 -8.58 -2.45 -13.39
C THR A 91 -7.16 -2.94 -13.10
N TRP A 92 -6.30 -2.90 -14.11
CA TRP A 92 -4.92 -3.36 -13.92
C TRP A 92 -4.15 -2.50 -12.93
N GLY A 93 -4.42 -1.21 -12.95
CA GLY A 93 -3.74 -0.31 -12.04
C GLY A 93 -4.15 -0.67 -10.63
N ASN A 94 -5.43 -0.94 -10.43
CA ASN A 94 -5.92 -1.36 -9.11
C ASN A 94 -5.31 -2.69 -8.63
N PHE A 95 -5.15 -3.67 -9.54
CA PHE A 95 -4.45 -4.92 -9.22
C PHE A 95 -3.02 -4.64 -8.75
N ALA A 96 -2.30 -3.78 -9.46
CA ALA A 96 -0.92 -3.48 -9.07
C ALA A 96 -0.87 -2.91 -7.66
N TRP A 97 -1.77 -1.99 -7.35
CA TRP A 97 -1.85 -1.45 -6.00
C TRP A 97 -2.24 -2.53 -4.97
N TYR A 99 -1.91 -5.82 -5.12
CA TYR A 99 -0.86 -6.81 -4.89
C TYR A 99 0.28 -6.18 -4.11
N TYR A 100 0.53 -4.90 -4.34
CA TYR A 100 1.59 -4.21 -3.59
C TYR A 100 1.22 -4.22 -2.11
N HIS A 101 -0.03 -3.90 -1.82
CA HIS A 101 -0.51 -3.90 -0.43
C HIS A 101 -0.46 -5.30 0.19
N GLY A 103 1.63 -7.54 -0.34
CA GLY A 103 2.98 -8.07 -0.37
C GLY A 103 3.17 -9.16 -1.43
N ARG A 104 2.54 -9.00 -2.58
CA ARG A 104 2.77 -9.94 -3.70
C ARG A 104 3.39 -9.16 -4.83
N LEU A 105 4.67 -8.82 -4.68
CA LEU A 105 5.28 -7.85 -5.61
C LEU A 105 5.49 -8.38 -7.03
N ALA A 106 5.65 -9.68 -7.19
CA ALA A 106 5.86 -10.25 -8.53
C ALA A 106 4.59 -10.03 -9.37
N GLU A 107 3.44 -10.25 -8.73
CA GLU A 107 2.17 -10.07 -9.39
C GLU A 107 1.88 -8.61 -9.66
N ALA A 108 2.24 -7.74 -8.71
CA ALA A 108 2.05 -6.30 -8.93
C ALA A 108 2.83 -5.86 -10.16
N GLN A 109 4.06 -6.36 -10.27
CA GLN A 109 4.93 -6.01 -11.38
C GLN A 109 4.31 -6.46 -12.69
N THR A 110 3.67 -7.63 -12.66
CA THR A 110 3.04 -8.18 -13.85
C THR A 110 1.95 -7.23 -14.36
N TYR A 111 1.16 -6.68 -13.44
CA TYR A 111 0.10 -5.79 -13.85
C TYR A 111 0.63 -4.44 -14.29
N LEU A 112 1.69 -3.95 -13.64
CA LEU A 112 2.38 -2.74 -14.09
C LEU A 112 2.85 -2.93 -15.52
N ASP A 113 3.42 -4.09 -15.80
CA ASP A 113 3.89 -4.40 -17.15
C ASP A 113 2.76 -4.34 -18.17
N LYS A 114 1.58 -4.83 -17.80
CA LYS A 114 0.43 -4.78 -18.70
C LYS A 114 0.06 -3.34 -19.04
N VAL A 115 0.02 -2.49 -18.02
CA VAL A 115 -0.24 -1.06 -18.22
C VAL A 115 0.81 -0.41 -19.11
N GLU A 116 2.07 -0.52 -18.70
CA GLU A 116 3.17 0.08 -19.46
C GLU A 116 3.05 -0.28 -20.93
N ASN A 117 2.73 -1.55 -21.17
CA ASN A 117 2.53 -2.05 -22.52
C ASN A 117 1.43 -1.32 -23.29
N ILE A 118 0.28 -1.08 -22.65
CA ILE A 118 -0.79 -0.41 -23.38
C ILE A 118 -0.51 1.08 -23.54
N CYS A 119 0.28 1.64 -22.64
CA CYS A 119 0.68 3.04 -22.70
C CYS A 119 1.87 3.29 -23.60
N LYS A 120 2.51 2.20 -24.06
CA LYS A 120 3.58 2.34 -25.03
C LYS A 120 3.00 3.05 -26.24
N LYS A 121 3.17 4.36 -26.13
CA LYS A 121 2.41 5.46 -26.71
C LYS A 121 1.57 5.35 -27.98
N LEU A 122 1.21 6.54 -28.45
CA LEU A 122 1.26 6.88 -29.85
C LEU A 122 2.47 7.79 -29.68
N SER A 123 2.21 9.06 -29.38
CA SER A 123 3.12 9.79 -28.51
C SER A 123 2.37 10.24 -27.26
N ASN A 124 2.14 9.25 -26.40
CA ASN A 124 1.80 9.43 -25.01
C ASN A 124 3.12 9.61 -24.30
N PRO A 125 3.32 10.79 -23.67
CA PRO A 125 4.62 11.09 -23.07
C PRO A 125 4.93 10.19 -21.89
N PHE A 126 3.88 9.63 -21.29
CA PHE A 126 4.00 8.95 -20.01
C PHE A 126 4.16 7.44 -20.10
N ARG A 127 4.89 6.90 -19.13
CA ARG A 127 5.17 5.47 -19.09
C ARG A 127 3.98 4.65 -18.56
N TYR A 128 3.29 5.18 -17.56
CA TYR A 128 2.28 4.37 -16.87
C TYR A 128 0.89 4.97 -16.82
N ARG A 129 0.71 6.12 -17.45
CA ARG A 129 -0.64 6.67 -17.54
C ARG A 129 -0.82 7.17 -18.94
N GLU A 131 -3.36 10.03 -21.25
CA GLU A 131 -4.49 10.94 -21.43
C GLU A 131 -5.40 10.35 -22.50
N CYS A 132 -6.65 10.10 -22.13
CA CYS A 132 -7.67 9.69 -23.08
C CYS A 132 -9.05 9.82 -22.44
N PRO A 133 -10.05 10.20 -23.25
CA PRO A 133 -11.40 10.47 -22.77
C PRO A 133 -12.00 9.30 -21.99
N GLU A 134 -11.69 8.06 -22.36
CA GLU A 134 -12.20 6.89 -21.65
C GLU A 134 -11.81 6.93 -20.17
N ILE A 135 -10.57 7.29 -19.89
CA ILE A 135 -10.10 7.30 -18.50
C ILE A 135 -10.61 8.54 -17.76
N ASP A 136 -10.81 9.64 -18.47
CA ASP A 136 -11.44 10.83 -17.90
C ASP A 136 -12.86 10.49 -17.46
N CYS A 137 -13.57 9.77 -18.34
CA CYS A 137 -14.92 9.30 -18.03
C CYS A 137 -14.90 8.37 -16.81
N GLU A 138 -13.94 7.46 -16.78
CA GLU A 138 -13.86 6.50 -15.68
C GLU A 138 -13.62 7.23 -14.37
N GLU A 139 -12.78 8.27 -14.41
CA GLU A 139 -12.46 9.02 -13.19
C GLU A 139 -13.75 9.72 -12.77
N GLY A 140 -14.46 10.28 -13.74
CA GLY A 140 -15.71 10.94 -13.45
C GLY A 140 -16.74 10.04 -12.79
N TRP A 141 -16.93 8.84 -13.33
CA TRP A 141 -17.91 7.91 -12.74
C TRP A 141 -17.53 7.50 -11.32
N ALA A 142 -16.23 7.27 -11.08
CA ALA A 142 -15.78 6.99 -9.73
C ALA A 142 -16.11 8.13 -8.74
N LEU A 143 -15.75 9.35 -9.11
CA LEU A 143 -16.07 10.52 -8.30
C LEU A 143 -17.58 10.67 -8.07
N LEU A 144 -18.37 10.53 -9.14
CA LEU A 144 -19.83 10.59 -9.03
C LEU A 144 -20.38 9.60 -7.98
N LYS A 145 -19.82 8.39 -7.91
CA LYS A 145 -20.35 7.40 -6.96
C LYS A 145 -19.96 7.67 -5.50
N CYS A 146 -18.92 8.47 -5.29
CA CYS A 146 -18.40 8.71 -3.95
C CYS A 146 -19.05 9.87 -3.16
N GLY A 147 -20.09 10.49 -3.72
CA GLY A 147 -20.82 11.50 -2.97
C GLY A 147 -20.34 12.94 -3.10
N GLY A 148 -21.13 13.84 -2.52
CA GLY A 148 -21.07 15.28 -2.74
C GLY A 148 -19.77 16.02 -2.88
N LYS A 149 -18.80 15.71 -2.03
CA LYS A 149 -17.53 16.45 -2.00
C LYS A 149 -16.77 16.26 -3.30
N ASN A 150 -17.13 15.22 -4.04
CA ASN A 150 -16.49 14.89 -5.32
C ASN A 150 -17.21 15.43 -6.58
N TYR A 151 -18.39 16.02 -6.40
CA TYR A 151 -19.23 16.34 -7.56
C TYR A 151 -18.64 17.39 -8.53
N GLU A 152 -18.00 18.43 -8.00
CA GLU A 152 -17.41 19.43 -8.89
C GLU A 152 -16.32 18.80 -9.75
N ARG A 153 -15.47 18.01 -9.11
CA ARG A 153 -14.43 17.29 -9.85
C ARG A 153 -15.04 16.35 -10.90
N ALA A 154 -16.09 15.63 -10.53
CA ALA A 154 -16.76 14.75 -11.48
C ALA A 154 -17.28 15.53 -12.67
N LYS A 155 -17.98 16.63 -12.40
CA LYS A 155 -18.48 17.46 -13.48
C LYS A 155 -17.34 17.94 -14.40
N ALA A 156 -16.25 18.40 -13.79
CA ALA A 156 -15.09 18.84 -14.56
C ALA A 156 -14.49 17.75 -15.45
N CYS A 157 -14.55 16.50 -14.99
CA CYS A 157 -14.04 15.36 -15.76
C CYS A 157 -14.83 15.17 -17.05
N PHE A 158 -16.16 15.15 -16.93
CA PHE A 158 -17.01 14.96 -18.11
C PHE A 158 -16.92 16.18 -19.03
N GLU A 159 -16.78 17.36 -18.43
CA GLU A 159 -16.63 18.61 -19.19
C GLU A 159 -15.43 18.55 -20.11
N LYS A 160 -14.34 17.98 -19.59
CA LYS A 160 -13.09 17.87 -20.33
C LYS A 160 -13.28 17.02 -21.58
N VAL A 161 -14.02 15.93 -21.43
CA VAL A 161 -14.35 15.07 -22.57
C VAL A 161 -15.23 15.80 -23.57
N LEU A 162 -16.30 16.42 -23.06
CA LEU A 162 -17.30 17.09 -23.89
C LEU A 162 -16.73 18.23 -24.74
N GLU A 163 -15.70 18.88 -24.22
CA GLU A 163 -15.05 19.96 -24.94
C GLU A 163 -14.52 19.45 -26.28
N VAL A 164 -13.93 18.26 -26.25
CA VAL A 164 -13.34 17.65 -27.44
C VAL A 164 -14.37 16.85 -28.25
N ASP A 165 -15.33 16.25 -27.56
CA ASP A 165 -16.38 15.46 -28.22
C ASP A 165 -17.77 15.82 -27.65
N PRO A 166 -18.35 16.94 -28.12
CA PRO A 166 -19.57 17.52 -27.56
C PRO A 166 -20.78 16.60 -27.65
N GLU A 167 -20.70 15.58 -28.50
CA GLU A 167 -21.83 14.68 -28.71
C GLU A 167 -21.61 13.31 -28.09
N ASN A 168 -20.56 13.18 -27.28
CA ASN A 168 -20.29 11.90 -26.63
C ASN A 168 -21.38 11.50 -25.65
N PRO A 169 -22.10 10.40 -25.96
CA PRO A 169 -23.19 9.85 -25.12
C PRO A 169 -22.78 9.66 -23.67
N GLU A 170 -21.64 9.01 -23.45
CA GLU A 170 -21.23 8.69 -22.09
C GLU A 170 -20.98 9.92 -21.23
N SER A 171 -20.18 10.87 -21.72
CA SER A 171 -19.88 12.04 -20.90
C SER A 171 -21.04 13.06 -20.85
N SER A 172 -21.91 13.06 -21.85
CA SER A 172 -23.12 13.88 -21.76
C SER A 172 -23.96 13.49 -20.55
N ALA A 173 -24.14 12.19 -20.36
CA ALA A 173 -24.89 11.67 -19.22
C ALA A 173 -24.21 11.98 -17.89
N GLY A 174 -22.90 11.75 -17.84
CA GLY A 174 -22.13 12.05 -16.65
C GLY A 174 -22.21 13.51 -16.27
N TYR A 175 -22.01 14.39 -17.24
CA TYR A 175 -22.12 15.82 -16.99
C TYR A 175 -23.53 16.17 -16.48
N ALA A 176 -24.55 15.65 -17.14
CA ALA A 176 -25.92 15.96 -16.78
C ALA A 176 -26.28 15.51 -15.36
N ILE A 177 -25.81 14.32 -14.98
CA ILE A 177 -26.11 13.84 -13.64
C ILE A 177 -25.31 14.63 -12.63
N SER A 178 -24.07 14.94 -12.96
CA SER A 178 -23.24 15.77 -12.09
C SER A 178 -23.89 17.15 -11.87
N ALA A 179 -24.34 17.77 -12.96
CA ALA A 179 -24.92 19.10 -12.84
C ALA A 179 -26.20 19.07 -12.01
N TYR A 180 -27.01 18.04 -12.21
CA TYR A 180 -28.24 17.85 -11.45
C TYR A 180 -28.00 17.74 -9.95
N ARG A 181 -27.07 16.87 -9.56
CA ARG A 181 -26.74 16.69 -8.15
C ARG A 181 -26.18 17.96 -7.53
N LEU A 182 -25.33 18.67 -8.28
CA LEU A 182 -24.78 19.93 -7.81
C LEU A 182 -25.90 20.96 -7.68
N ASP A 183 -26.80 20.98 -8.65
CA ASP A 183 -27.96 21.88 -8.64
C ASP A 183 -28.78 21.73 -7.36
N GLY A 184 -28.88 20.49 -6.88
CA GLY A 184 -29.67 20.19 -5.69
C GLY A 184 -29.18 20.92 -4.46
N PHE A 185 -27.87 21.00 -4.31
CA PHE A 185 -27.25 21.64 -3.15
C PHE A 185 -27.58 23.13 -3.07
N LYS A 186 -27.93 23.72 -4.20
CA LYS A 186 -28.19 25.16 -4.29
C LYS A 186 -29.52 25.57 -3.67
N LEU A 187 -29.59 26.82 -3.25
CA LEU A 187 -30.83 27.41 -2.78
C LEU A 187 -31.84 27.52 -3.93
N ALA A 188 -33.02 26.92 -3.75
CA ALA A 188 -34.05 26.86 -4.79
C ALA A 188 -34.57 28.24 -5.23
N THR A 189 -34.98 28.32 -6.50
CA THR A 189 -35.37 29.56 -7.20
C THR A 189 -34.89 30.87 -6.55
N HIS A 192 -36.09 31.76 -13.34
CA HIS A 192 -35.17 30.62 -13.27
C HIS A 192 -34.06 30.73 -14.32
N LYS A 193 -33.07 29.85 -14.22
CA LYS A 193 -31.85 29.89 -15.04
C LYS A 193 -32.06 29.37 -16.47
N PRO A 194 -31.56 30.11 -17.48
CA PRO A 194 -31.76 29.71 -18.87
C PRO A 194 -31.02 28.43 -19.27
N PHE A 195 -31.66 27.63 -20.12
CA PHE A 195 -31.13 26.36 -20.61
C PHE A 195 -30.88 25.36 -19.48
N SER A 196 -31.66 25.46 -18.42
CA SER A 196 -31.55 24.52 -17.30
C SER A 196 -31.73 23.08 -17.75
N LEU A 197 -32.63 22.89 -18.70
CA LEU A 197 -32.99 21.56 -19.18
C LEU A 197 -32.03 21.01 -20.22
N LEU A 198 -31.21 21.87 -20.79
CA LEU A 198 -30.32 21.48 -21.88
C LEU A 198 -29.44 20.23 -21.65
N PRO A 199 -28.67 20.17 -20.54
CA PRO A 199 -27.82 18.97 -20.39
C PRO A 199 -28.60 17.65 -20.28
N LEU A 200 -29.71 17.64 -19.56
CA LEU A 200 -30.51 16.43 -19.48
C LEU A 200 -31.17 16.08 -20.81
N ARG A 201 -31.68 17.07 -21.53
CA ARG A 201 -32.22 16.80 -22.84
C ARG A 201 -31.17 16.14 -23.73
N GLN A 202 -30.00 16.75 -23.83
CA GLN A 202 -28.91 16.18 -24.63
C GLN A 202 -28.56 14.75 -24.19
N ALA A 203 -28.45 14.54 -22.88
CA ALA A 203 -28.15 13.21 -22.35
C ALA A 203 -29.21 12.18 -22.73
N VAL A 204 -30.48 12.56 -22.65
CA VAL A 204 -31.57 11.66 -22.98
C VAL A 204 -31.56 11.31 -24.46
N ARG A 205 -31.30 12.29 -25.32
CA ARG A 205 -31.24 12.04 -26.75
C ARG A 205 -30.10 11.09 -27.10
N LEU A 206 -28.95 11.28 -26.46
CA LEU A 206 -27.76 10.46 -26.73
C LEU A 206 -27.79 9.13 -26.02
N ASN A 207 -28.60 9.02 -24.97
CA ASN A 207 -28.74 7.76 -24.26
C ASN A 207 -30.20 7.37 -24.15
N PRO A 208 -30.84 7.10 -25.29
CA PRO A 208 -32.30 6.96 -25.34
C PRO A 208 -32.81 5.74 -24.58
N ASP A 209 -31.92 4.84 -24.21
CA ASP A 209 -32.33 3.63 -23.51
C ASP A 209 -32.12 3.68 -22.00
N ASN A 210 -31.77 4.86 -21.46
CA ASN A 210 -31.52 4.99 -20.03
C ASN A 210 -32.65 5.65 -19.23
N GLY A 211 -33.32 4.87 -18.39
CA GLY A 211 -34.46 5.38 -17.65
C GLY A 211 -34.11 6.29 -16.51
N TYR A 212 -32.92 6.08 -15.94
CA TYR A 212 -32.45 6.93 -14.84
C TYR A 212 -32.44 8.40 -15.22
N ILE A 213 -31.77 8.72 -16.33
CA ILE A 213 -31.68 10.12 -16.74
C ILE A 213 -33.05 10.67 -17.18
N LYS A 214 -33.94 9.80 -17.64
CA LYS A 214 -35.29 10.27 -17.96
C LYS A 214 -36.04 10.73 -16.72
N VAL A 215 -35.86 10.03 -15.59
CA VAL A 215 -36.55 10.43 -14.37
C VAL A 215 -36.01 11.75 -13.85
N LEU A 216 -34.71 11.97 -14.01
CA LEU A 216 -34.10 13.22 -13.59
C LEU A 216 -34.65 14.37 -14.43
N LEU A 217 -34.72 14.13 -15.73
CA LEU A 217 -35.31 15.11 -16.64
C LEU A 217 -36.76 15.39 -16.29
N ALA A 218 -37.52 14.33 -15.95
CA ALA A 218 -38.91 14.48 -15.60
C ALA A 218 -39.08 15.34 -14.35
N LEU A 219 -38.24 15.09 -13.37
CA LEU A 219 -38.26 15.86 -12.12
C LEU A 219 -37.90 17.31 -12.34
N LYS A 220 -36.90 17.55 -13.18
CA LYS A 220 -36.51 18.93 -13.48
C LYS A 220 -37.61 19.64 -14.26
N LEU A 221 -38.22 18.96 -15.23
CA LEU A 221 -39.34 19.50 -15.99
C LEU A 221 -40.50 19.85 -15.08
N GLN A 222 -40.82 18.95 -14.16
CA GLN A 222 -41.89 19.16 -13.21
C GLN A 222 -41.64 20.43 -12.40
N ASP A 223 -40.37 20.61 -12.04
CA ASP A 223 -39.95 21.75 -11.23
C ASP A 223 -40.11 23.07 -11.98
N GLU A 224 -40.13 23.01 -13.31
CA GLU A 224 -40.27 24.21 -14.12
C GLU A 224 -41.66 24.34 -14.72
N GLY A 225 -42.65 23.76 -14.04
CA GLY A 225 -44.03 23.85 -14.46
C GLY A 225 -44.31 23.15 -15.78
N GLN A 226 -43.53 22.13 -16.09
CA GLN A 226 -43.78 21.31 -17.28
C GLN A 226 -44.04 19.88 -16.88
N GLU A 227 -44.85 19.73 -15.86
CA GLU A 227 -45.15 18.43 -15.27
C GLU A 227 -45.76 17.46 -16.28
N ALA A 228 -46.59 17.98 -17.18
CA ALA A 228 -47.20 17.13 -18.20
C ALA A 228 -46.17 16.50 -19.13
N GLU A 229 -45.18 17.26 -19.58
CA GLU A 229 -44.11 16.67 -20.39
C GLU A 229 -43.30 15.70 -19.52
N GLY A 230 -43.06 16.08 -18.28
CA GLY A 230 -42.32 15.26 -17.34
C GLY A 230 -42.92 13.88 -17.17
N GLU A 231 -44.24 13.80 -17.11
CA GLU A 231 -44.89 12.52 -16.84
C GLU A 231 -44.67 11.51 -17.97
N LYS A 232 -44.59 12.01 -19.21
CA LYS A 232 -44.26 11.17 -20.36
C LYS A 232 -42.93 10.45 -20.16
N TYR A 233 -41.92 11.20 -19.71
CA TYR A 233 -40.61 10.60 -19.49
C TYR A 233 -40.61 9.62 -18.32
N ILE A 234 -41.35 9.93 -17.25
CA ILE A 234 -41.52 9.00 -16.15
C ILE A 234 -42.08 7.68 -16.65
N GLU A 235 -43.14 7.76 -17.48
CA GLU A 235 -43.78 6.56 -17.99
C GLU A 235 -42.87 5.71 -18.87
N GLU A 236 -42.08 6.36 -19.73
CA GLU A 236 -41.13 5.64 -20.58
C GLU A 236 -40.08 4.95 -19.72
N ALA A 237 -39.59 5.65 -18.70
CA ALA A 237 -38.63 5.07 -17.78
C ALA A 237 -39.21 3.80 -17.16
N LEU A 238 -40.36 3.92 -16.50
CA LEU A 238 -41.01 2.78 -15.84
C LEU A 238 -41.36 1.63 -16.79
N ALA A 239 -41.57 1.95 -18.06
CA ALA A 239 -41.95 0.95 -19.05
C ALA A 239 -40.77 0.03 -19.38
N ASN A 240 -39.56 0.53 -19.17
CA ASN A 240 -38.37 -0.28 -19.46
C ASN A 240 -37.54 -0.61 -18.23
N SER A 242 -36.89 -2.81 -16.34
CA SER A 242 -36.35 -4.12 -16.00
C SER A 242 -35.12 -3.79 -15.16
N SER A 243 -34.47 -2.70 -15.55
CA SER A 243 -33.47 -2.04 -14.72
C SER A 243 -34.10 -1.41 -13.48
N GLN A 244 -34.15 -2.19 -12.40
CA GLN A 244 -34.48 -1.68 -11.07
C GLN A 244 -33.37 -0.69 -10.65
N THR A 245 -33.46 0.06 -9.55
CA THR A 245 -34.46 -0.03 -8.47
C THR A 245 -34.59 1.33 -7.83
N TYR A 246 -33.53 2.12 -7.93
CA TYR A 246 -33.49 3.46 -7.34
C TYR A 246 -34.35 4.40 -8.16
N VAL A 247 -34.61 4.00 -9.41
CA VAL A 247 -35.50 4.74 -10.29
C VAL A 247 -36.89 4.89 -9.67
N PHE A 248 -37.30 3.90 -8.90
CA PHE A 248 -38.62 3.94 -8.28
C PHE A 248 -38.75 5.07 -7.26
N ARG A 249 -37.69 5.29 -6.51
CA ARG A 249 -37.63 6.35 -5.52
C ARG A 249 -37.87 7.72 -6.18
N TYR A 250 -37.13 8.00 -7.24
CA TYR A 250 -37.26 9.29 -7.89
C TYR A 250 -38.62 9.44 -8.55
N ALA A 251 -39.10 8.36 -9.16
CA ALA A 251 -40.42 8.37 -9.76
C ALA A 251 -41.50 8.58 -8.70
N ALA A 252 -41.30 8.01 -7.51
CA ALA A 252 -42.27 8.18 -6.44
C ALA A 252 -42.40 9.64 -6.05
N LYS A 253 -41.26 10.33 -6.04
CA LYS A 253 -41.23 11.75 -5.71
C LYS A 253 -42.02 12.57 -6.72
N PHE A 254 -41.86 12.22 -8.00
CA PHE A 254 -42.60 12.91 -9.05
C PHE A 254 -44.11 12.80 -8.82
N TYR A 255 -44.60 11.60 -8.55
CA TYR A 255 -46.03 11.43 -8.38
C TYR A 255 -46.53 12.05 -7.08
N ARG A 256 -45.66 12.08 -6.07
CA ARG A 256 -46.04 12.73 -4.83
C ARG A 256 -46.29 14.22 -5.07
N ARG A 257 -45.34 14.86 -5.76
CA ARG A 257 -45.48 16.28 -6.04
C ARG A 257 -46.69 16.54 -6.92
N LYS A 258 -46.95 15.62 -7.85
CA LYS A 258 -48.12 15.78 -8.72
C LYS A 258 -49.42 15.71 -7.95
N GLY A 259 -49.51 14.75 -7.03
CA GLY A 259 -50.73 14.55 -6.25
C GLY A 259 -51.29 13.16 -6.45
N SER A 260 -50.49 12.28 -7.05
CA SER A 260 -50.92 10.92 -7.32
C SER A 260 -50.38 10.01 -6.24
N VAL A 261 -51.06 10.01 -5.09
CA VAL A 261 -50.53 9.38 -3.89
C VAL A 261 -50.46 7.86 -4.01
N ASP A 262 -51.47 7.25 -4.61
CA ASP A 262 -51.49 5.81 -4.87
C ASP A 262 -50.27 5.34 -5.65
N LYS A 263 -49.99 6.03 -6.76
CA LYS A 263 -48.80 5.71 -7.57
C LYS A 263 -47.52 5.89 -6.77
N ALA A 264 -47.42 6.98 -6.01
CA ALA A 264 -46.21 7.27 -5.24
C ALA A 264 -45.97 6.16 -4.22
N LEU A 265 -47.04 5.73 -3.59
CA LEU A 265 -46.93 4.68 -2.59
C LEU A 265 -46.54 3.34 -3.18
N GLU A 266 -47.11 2.98 -4.32
CA GLU A 266 -46.74 1.71 -4.95
C GLU A 266 -45.28 1.69 -5.40
N LEU A 267 -44.81 2.84 -5.87
CA LEU A 267 -43.41 2.99 -6.28
C LEU A 267 -42.46 2.86 -5.11
N LEU A 268 -42.82 3.42 -3.97
CA LEU A 268 -41.98 3.30 -2.77
C LEU A 268 -41.92 1.85 -2.30
N LYS A 269 -43.06 1.17 -2.30
CA LYS A 269 -43.09 -0.25 -1.93
C LYS A 269 -42.17 -1.05 -2.84
N LYS A 270 -42.11 -0.69 -4.11
CA LYS A 270 -41.20 -1.35 -5.05
C LYS A 270 -39.75 -1.02 -4.75
N ALA A 271 -39.47 0.22 -4.35
CA ALA A 271 -38.12 0.64 -4.01
C ALA A 271 -37.59 -0.13 -2.81
N LEU A 272 -38.50 -0.65 -1.99
CA LEU A 272 -38.14 -1.45 -0.83
C LEU A 272 -38.03 -2.93 -1.17
N GLN B 3 -2.57 11.61 2.75
CA GLN B 3 -1.21 12.07 3.06
C GLN B 3 -0.54 11.13 4.05
N VAL B 4 -1.15 9.99 4.30
CA VAL B 4 -0.60 9.01 5.23
C VAL B 4 0.70 8.43 4.66
N LYS B 5 0.66 8.07 3.38
CA LYS B 5 1.83 7.54 2.66
C LYS B 5 2.93 8.57 2.65
N ASP B 6 2.54 9.83 2.54
CA ASP B 6 3.47 10.94 2.64
C ASP B 6 4.25 10.84 3.96
N SER B 7 3.54 10.59 5.06
CA SER B 7 4.18 10.40 6.36
C SER B 7 4.99 9.11 6.47
N LEU B 8 4.48 8.02 5.91
CA LEU B 8 5.13 6.72 6.06
C LEU B 8 6.54 6.72 5.51
N GLU B 9 6.78 7.47 4.44
CA GLU B 9 8.09 7.45 3.78
C GLU B 9 9.15 8.14 4.65
N GLN B 10 8.70 8.94 5.61
CA GLN B 10 9.63 9.62 6.49
C GLN B 10 10.08 8.78 7.68
N LEU B 11 9.40 7.66 7.92
CA LEU B 11 9.76 6.79 9.00
C LEU B 11 11.08 6.08 8.70
N ARG B 12 11.82 5.75 9.75
CA ARG B 12 12.97 4.85 9.66
C ARG B 12 12.58 3.46 10.17
N CYS B 13 12.37 2.54 9.25
CA CYS B 13 12.07 1.17 9.61
C CYS B 13 12.27 0.28 8.38
N HIS B 14 11.94 -0.99 8.50
CA HIS B 14 12.29 -1.95 7.47
C HIS B 14 11.68 -1.58 6.13
N PHE B 15 10.48 -1.00 6.18
CA PHE B 15 9.77 -0.63 4.97
C PHE B 15 10.44 0.50 4.18
N THR B 16 11.30 1.26 4.85
CA THR B 16 11.95 2.38 4.18
C THR B 16 13.45 2.22 4.07
N TRP B 17 13.98 1.06 4.46
CA TRP B 17 15.43 0.85 4.46
C TRP B 17 15.98 0.23 3.16
N GLU B 18 15.12 0.03 2.16
CA GLU B 18 15.57 -0.54 0.88
C GLU B 18 16.42 -1.80 1.07
N LEU B 19 15.91 -2.75 1.84
CA LEU B 19 16.62 -3.98 2.10
C LEU B 19 16.63 -4.85 0.84
N SER B 20 17.81 -5.25 0.41
CA SER B 20 17.92 -6.08 -0.78
C SER B 20 17.74 -7.54 -0.39
N ILE B 21 16.65 -8.14 -0.85
CA ILE B 21 16.41 -9.56 -0.60
C ILE B 21 16.26 -10.35 -1.90
N LEU B 40 20.38 -13.03 22.16
CA LEU B 40 19.41 -13.51 23.14
C LEU B 40 18.73 -12.33 23.83
N ASP B 41 19.42 -11.19 23.82
CA ASP B 41 18.91 -9.99 24.48
C ASP B 41 17.64 -9.49 23.81
N THR B 42 16.78 -8.86 24.59
CA THR B 42 15.45 -8.44 24.12
C THR B 42 15.54 -7.50 22.91
N LYS B 43 16.43 -6.51 23.00
CA LYS B 43 16.67 -5.57 21.92
C LYS B 43 16.90 -6.30 20.59
N TYR B 44 17.80 -7.28 20.61
CA TYR B 44 18.09 -8.04 19.41
C TYR B 44 16.90 -8.92 19.04
N SER B 45 16.21 -9.44 20.05
CA SER B 45 15.02 -10.25 19.83
C SER B 45 13.94 -9.42 19.15
N VAL B 46 13.76 -8.19 19.62
CA VAL B 46 12.83 -7.25 19.01
C VAL B 46 13.18 -7.03 17.54
N GLY B 47 14.47 -6.88 17.25
CA GLY B 47 14.94 -6.69 15.90
C GLY B 47 14.60 -7.86 15.00
N ILE B 48 14.71 -9.06 15.56
CA ILE B 48 14.41 -10.27 14.79
C ILE B 48 12.91 -10.34 14.43
N HIS B 49 12.05 -10.04 15.40
CA HIS B 49 10.60 -10.06 15.16
C HIS B 49 10.21 -9.01 14.13
N ASN B 50 10.86 -7.85 14.17
CA ASN B 50 10.59 -6.84 13.16
C ASN B 50 11.01 -7.27 11.76
N LEU B 51 12.18 -7.87 11.65
CA LEU B 51 12.64 -8.34 10.35
C LEU B 51 11.73 -9.47 9.88
N LEU B 52 11.34 -10.36 10.80
CA LEU B 52 10.44 -11.46 10.40
C LEU B 52 9.11 -10.92 9.88
N ALA B 53 8.61 -9.86 10.50
CA ALA B 53 7.36 -9.24 10.07
C ALA B 53 7.47 -8.77 8.62
N TYR B 54 8.58 -8.12 8.33
CA TYR B 54 8.80 -7.56 7.00
C TYR B 54 8.90 -8.69 5.98
N VAL B 55 9.65 -9.74 6.32
CA VAL B 55 9.73 -10.92 5.45
C VAL B 55 8.36 -11.60 5.24
N LYS B 56 7.57 -11.72 6.31
CA LYS B 56 6.23 -12.28 6.19
C LYS B 56 5.34 -11.46 5.25
N HIS B 57 5.45 -10.13 5.33
CA HIS B 57 4.75 -9.26 4.37
C HIS B 57 5.12 -9.60 2.92
N LEU B 58 6.41 -9.67 2.64
CA LEU B 58 6.87 -9.94 1.28
C LEU B 58 6.54 -11.35 0.82
N LYS B 59 6.16 -12.21 1.76
CA LYS B 59 5.65 -13.54 1.42
C LYS B 59 4.12 -13.51 1.24
N GLY B 60 3.52 -12.32 1.31
CA GLY B 60 2.08 -12.25 1.12
C GLY B 60 1.31 -12.72 2.33
N GLN B 61 1.92 -12.63 3.51
CA GLN B 61 1.27 -13.09 4.75
C GLN B 61 1.08 -11.98 5.75
N ASN B 62 0.17 -11.05 5.45
CA ASN B 62 0.06 -9.86 6.28
C ASN B 62 -0.42 -10.09 7.72
N GLU B 63 -1.34 -11.02 7.92
CA GLU B 63 -1.79 -11.32 9.28
C GLU B 63 -0.63 -11.90 10.09
N GLU B 64 0.17 -12.78 9.46
CA GLU B 64 1.35 -13.34 10.14
C GLU B 64 2.36 -12.24 10.46
N ALA B 65 2.50 -11.29 9.55
CA ALA B 65 3.42 -10.17 9.73
C ALA B 65 3.02 -9.36 10.98
N LEU B 66 1.71 -9.10 11.09
CA LEU B 66 1.19 -8.32 12.22
C LEU B 66 1.40 -9.05 13.54
N LYS B 67 1.19 -10.37 13.55
CA LYS B 67 1.44 -11.16 14.74
C LYS B 67 2.90 -11.02 15.18
N SER B 68 3.82 -10.97 14.22
CA SER B 68 5.24 -10.78 14.58
C SER B 68 5.51 -9.42 15.20
N LEU B 69 4.87 -8.38 14.66
CA LEU B 69 4.98 -7.03 15.24
C LEU B 69 4.39 -6.97 16.66
N LYS B 70 3.29 -7.68 16.90
CA LYS B 70 2.73 -7.74 18.25
C LYS B 70 3.64 -8.47 19.26
N GLU B 71 4.40 -9.45 18.77
CA GLU B 71 5.41 -10.13 19.60
C GLU B 71 6.55 -9.18 19.98
N ALA B 72 7.01 -8.40 19.01
CA ALA B 72 8.03 -7.39 19.25
C ALA B 72 7.50 -6.39 20.28
N GLU B 73 6.29 -5.90 20.02
CA GLU B 73 5.62 -4.96 20.92
C GLU B 73 5.47 -5.51 22.33
N ASN B 74 5.05 -6.77 22.43
CA ASN B 74 4.85 -7.44 23.71
C ASN B 74 6.11 -7.41 24.58
N LEU B 75 7.26 -7.66 23.96
CA LEU B 75 8.54 -7.70 24.68
C LEU B 75 8.89 -6.35 25.30
N GLN B 77 6.70 -4.06 26.23
CA GLN B 77 5.64 -3.62 27.14
C GLN B 77 5.82 -4.19 28.54
N ASN B 85 10.15 5.25 24.28
CA ASN B 85 11.54 4.80 24.20
C ASN B 85 12.01 4.69 22.75
N VAL B 86 13.12 5.36 22.44
CA VAL B 86 13.73 5.33 21.10
C VAL B 86 13.72 3.92 20.49
N ARG B 87 13.92 2.92 21.33
CA ARG B 87 13.98 1.53 20.88
C ARG B 87 12.62 0.93 20.46
N SER B 88 11.60 1.76 20.34
CA SER B 88 10.29 1.28 19.91
C SER B 88 9.88 1.88 18.58
N LEU B 89 10.65 2.86 18.11
CA LEU B 89 10.28 3.62 16.92
C LEU B 89 10.18 2.72 15.70
N VAL B 90 11.15 1.82 15.54
CA VAL B 90 11.17 0.93 14.37
C VAL B 90 9.94 0.02 14.35
N THR B 91 9.60 -0.54 15.51
CA THR B 91 8.40 -1.37 15.62
C THR B 91 7.15 -0.57 15.28
N TRP B 92 7.01 0.61 15.88
CA TRP B 92 5.84 1.45 15.60
C TRP B 92 5.77 1.87 14.14
N GLY B 93 6.92 2.11 13.54
CA GLY B 93 6.99 2.48 12.14
C GLY B 93 6.51 1.32 11.29
N ASN B 94 6.91 0.12 11.68
CA ASN B 94 6.47 -1.06 10.93
C ASN B 94 4.98 -1.29 11.07
N PHE B 95 4.45 -1.10 12.29
CA PHE B 95 2.99 -1.13 12.53
C PHE B 95 2.28 -0.16 11.60
N ALA B 96 2.78 1.07 11.51
CA ALA B 96 2.12 2.07 10.66
C ALA B 96 2.05 1.62 9.23
N TRP B 97 3.16 1.09 8.73
CA TRP B 97 3.20 0.57 7.36
C TRP B 97 2.26 -0.61 7.19
N TYR B 99 -0.45 -1.53 8.93
CA TYR B 99 -1.85 -1.11 8.98
C TYR B 99 -2.27 -0.37 7.70
N TYR B 100 -1.37 0.47 7.19
CA TYR B 100 -1.58 1.11 5.87
C TYR B 100 -1.89 0.06 4.79
N HIS B 101 -1.04 -0.95 4.71
CA HIS B 101 -1.19 -1.98 3.68
C HIS B 101 -2.48 -2.77 3.87
N GLY B 103 -5.23 -1.70 4.95
CA GLY B 103 -6.41 -0.85 4.83
C GLY B 103 -7.01 -0.44 6.15
N ARG B 104 -6.16 -0.32 7.17
CA ARG B 104 -6.60 0.03 8.52
C ARG B 104 -5.95 1.37 8.90
N LEU B 105 -6.41 2.42 8.24
CA LEU B 105 -5.70 3.72 8.29
C LEU B 105 -5.80 4.41 9.65
N ALA B 106 -6.90 4.19 10.35
CA ALA B 106 -7.08 4.78 11.68
C ALA B 106 -6.01 4.22 12.61
N GLU B 107 -5.71 2.95 12.46
CA GLU B 107 -4.71 2.32 13.31
C GLU B 107 -3.32 2.73 12.90
N ALA B 108 -3.09 2.83 11.58
CA ALA B 108 -1.82 3.32 11.08
C ALA B 108 -1.51 4.70 11.65
N GLN B 109 -2.54 5.54 11.72
CA GLN B 109 -2.35 6.91 12.21
C GLN B 109 -1.99 6.91 13.69
N THR B 110 -2.58 5.99 14.44
CA THR B 110 -2.29 5.85 15.86
C THR B 110 -0.81 5.59 16.11
N TYR B 111 -0.22 4.76 15.26
CA TYR B 111 1.19 4.44 15.37
C TYR B 111 2.07 5.57 14.84
N LEU B 112 1.61 6.24 13.79
CA LEU B 112 2.30 7.45 13.34
C LEU B 112 2.36 8.46 14.49
N ASP B 113 1.26 8.53 15.25
CA ASP B 113 1.19 9.48 16.37
C ASP B 113 2.15 9.12 17.50
N LYS B 114 2.37 7.82 17.73
CA LYS B 114 3.31 7.37 18.76
C LYS B 114 4.72 7.76 18.36
N VAL B 115 5.02 7.62 17.08
CA VAL B 115 6.33 7.99 16.58
C VAL B 115 6.54 9.49 16.72
N GLU B 116 5.52 10.26 16.33
CA GLU B 116 5.61 11.71 16.37
C GLU B 116 5.81 12.20 17.81
N ASN B 117 5.10 11.55 18.73
CA ASN B 117 5.19 11.90 20.15
C ASN B 117 6.62 11.79 20.66
N ILE B 118 7.27 10.68 20.31
CA ILE B 118 8.63 10.44 20.77
C ILE B 118 9.60 11.38 20.07
N CYS B 119 9.38 11.62 18.78
CA CYS B 119 10.29 12.50 18.06
C CYS B 119 10.21 13.92 18.59
N LYS B 120 8.99 14.41 18.77
CA LYS B 120 8.74 15.73 19.34
C LYS B 120 9.37 15.86 20.72
N LYS B 121 9.19 14.86 21.58
CA LYS B 121 9.57 14.98 22.99
C LYS B 121 11.07 14.84 23.24
N LEU B 122 11.79 14.27 22.27
CA LEU B 122 13.22 14.13 22.40
C LEU B 122 13.95 15.18 21.54
N SER B 123 13.22 16.23 21.15
CA SER B 123 13.47 17.06 19.94
C SER B 123 14.88 17.64 19.65
N ASN B 124 15.41 17.56 18.41
CA ASN B 124 14.98 16.81 17.17
C ASN B 124 14.30 17.51 15.97
N PRO B 125 15.04 17.68 14.87
CA PRO B 125 14.57 18.49 13.74
C PRO B 125 13.38 17.91 12.98
N PHE B 126 13.25 16.58 12.94
CA PHE B 126 12.25 15.96 12.06
C PHE B 126 11.00 15.46 12.76
N ARG B 127 9.92 15.39 12.00
CA ARG B 127 8.62 15.07 12.55
C ARG B 127 8.48 13.57 12.84
N TYR B 128 8.92 12.73 11.90
CA TYR B 128 8.65 11.29 11.98
C TYR B 128 9.85 10.40 12.10
N ARG B 129 11.02 11.00 12.18
CA ARG B 129 12.19 10.20 12.42
C ARG B 129 13.15 10.98 13.25
N GLU B 131 17.57 11.17 14.23
CA GLU B 131 18.92 10.67 14.24
C GLU B 131 19.16 10.23 15.67
N CYS B 132 19.42 8.95 15.83
CA CYS B 132 19.99 8.46 17.07
C CYS B 132 20.77 7.20 16.76
N PRO B 133 21.84 6.97 17.52
CA PRO B 133 22.69 5.82 17.28
C PRO B 133 21.90 4.51 17.37
N GLU B 134 20.91 4.41 18.25
CA GLU B 134 20.15 3.17 18.39
C GLU B 134 19.51 2.74 17.08
N ILE B 135 18.93 3.69 16.35
CA ILE B 135 18.26 3.34 15.10
C ILE B 135 19.25 3.07 13.97
N ASP B 136 20.37 3.78 13.97
CA ASP B 136 21.48 3.46 13.07
C ASP B 136 21.93 2.00 13.28
N CYS B 137 22.01 1.55 14.52
CA CYS B 137 22.40 0.17 14.79
C CYS B 137 21.32 -0.80 14.33
N GLU B 138 20.08 -0.44 14.60
CA GLU B 138 18.96 -1.28 14.17
C GLU B 138 18.94 -1.43 12.66
N GLU B 139 19.15 -0.33 11.94
CA GLU B 139 19.28 -0.40 10.48
C GLU B 139 20.44 -1.30 10.07
N GLY B 140 21.58 -1.14 10.74
CA GLY B 140 22.73 -1.99 10.53
C GLY B 140 22.44 -3.48 10.65
N TRP B 141 21.78 -3.88 11.74
CA TRP B 141 21.50 -5.29 11.95
C TRP B 141 20.50 -5.83 10.93
N ALA B 142 19.50 -5.02 10.58
CA ALA B 142 18.55 -5.44 9.56
C ALA B 142 19.28 -5.76 8.27
N LEU B 143 20.11 -4.82 7.82
CA LEU B 143 20.93 -4.99 6.60
C LEU B 143 21.84 -6.20 6.67
N LEU B 144 22.50 -6.38 7.81
CA LEU B 144 23.44 -7.47 7.99
C LEU B 144 22.77 -8.83 7.86
N LYS B 145 21.56 -8.95 8.41
CA LYS B 145 20.81 -10.21 8.32
C LYS B 145 20.25 -10.49 6.93
N CYS B 146 20.09 -9.46 6.10
CA CYS B 146 19.49 -9.66 4.78
C CYS B 146 20.45 -10.12 3.69
N GLY B 147 21.75 -10.14 3.98
CA GLY B 147 22.68 -10.79 3.09
C GLY B 147 23.61 -9.93 2.25
N GLY B 148 24.43 -10.62 1.46
CA GLY B 148 25.59 -10.07 0.76
C GLY B 148 25.53 -8.67 0.20
N LYS B 149 24.45 -8.35 -0.51
CA LYS B 149 24.37 -7.05 -1.14
C LYS B 149 24.23 -5.89 -0.14
N ASN B 150 23.88 -6.22 1.10
CA ASN B 150 23.64 -5.19 2.11
C ASN B 150 24.82 -4.92 3.04
N TYR B 151 25.94 -5.63 2.85
CA TYR B 151 27.01 -5.57 3.83
C TYR B 151 27.71 -4.22 3.87
N GLU B 152 27.87 -3.58 2.71
CA GLU B 152 28.56 -2.30 2.70
C GLU B 152 27.77 -1.25 3.46
N ARG B 153 26.47 -1.20 3.20
CA ARG B 153 25.59 -0.27 3.90
C ARG B 153 25.55 -0.60 5.38
N ALA B 154 25.58 -1.90 5.70
CA ALA B 154 25.54 -2.31 7.09
C ALA B 154 26.79 -1.81 7.82
N LYS B 155 27.97 -2.04 7.22
CA LYS B 155 29.22 -1.55 7.80
C LYS B 155 29.22 -0.03 7.97
N ALA B 156 28.71 0.68 6.98
CA ALA B 156 28.59 2.14 7.07
C ALA B 156 27.71 2.58 8.24
N CYS B 157 26.61 1.88 8.48
CA CYS B 157 25.74 2.18 9.61
C CYS B 157 26.49 2.10 10.94
N PHE B 158 27.15 0.96 11.17
CA PHE B 158 27.89 0.78 12.42
C PHE B 158 29.06 1.75 12.56
N GLU B 159 29.69 2.08 11.45
CA GLU B 159 30.84 2.97 11.48
C GLU B 159 30.37 4.38 11.86
N LYS B 160 29.15 4.73 11.44
CA LYS B 160 28.52 6.00 11.79
C LYS B 160 28.39 6.13 13.31
N VAL B 161 27.90 5.08 13.97
CA VAL B 161 27.81 5.07 15.43
C VAL B 161 29.17 5.08 16.14
N LEU B 162 30.10 4.26 15.66
CA LEU B 162 31.42 4.19 16.30
C LEU B 162 32.19 5.52 16.19
N GLU B 163 31.90 6.28 15.14
CA GLU B 163 32.50 7.60 14.95
C GLU B 163 32.23 8.52 16.15
N VAL B 164 31.03 8.42 16.70
CA VAL B 164 30.61 9.21 17.84
C VAL B 164 30.96 8.50 19.15
N ASP B 165 30.76 7.19 19.17
CA ASP B 165 30.94 6.39 20.39
C ASP B 165 31.79 5.15 20.11
N PRO B 166 33.12 5.32 20.08
CA PRO B 166 34.08 4.28 19.69
C PRO B 166 34.05 3.01 20.54
N GLU B 167 33.61 3.13 21.79
CA GLU B 167 33.64 2.01 22.74
C GLU B 167 32.29 1.27 22.80
N ASN B 168 31.35 1.67 21.94
CA ASN B 168 30.01 1.08 21.94
C ASN B 168 29.95 -0.41 21.58
N PRO B 169 29.56 -1.25 22.55
CA PRO B 169 29.56 -2.72 22.43
C PRO B 169 28.74 -3.22 21.23
N GLU B 170 27.56 -2.65 21.07
CA GLU B 170 26.65 -3.10 20.04
C GLU B 170 27.18 -2.87 18.62
N SER B 171 27.50 -1.62 18.29
CA SER B 171 27.98 -1.32 16.94
C SER B 171 29.40 -1.86 16.69
N SER B 172 30.17 -2.05 17.75
CA SER B 172 31.49 -2.66 17.61
C SER B 172 31.37 -4.08 17.07
N ALA B 173 30.41 -4.83 17.59
CA ALA B 173 30.16 -6.16 17.09
C ALA B 173 29.67 -6.13 15.63
N GLY B 174 28.71 -5.26 15.33
CA GLY B 174 28.17 -5.20 13.98
C GLY B 174 29.21 -4.76 12.97
N TYR B 175 30.04 -3.78 13.34
CA TYR B 175 31.10 -3.36 12.45
C TYR B 175 32.05 -4.52 12.16
N ALA B 176 32.47 -5.23 13.21
CA ALA B 176 33.44 -6.32 13.06
C ALA B 176 32.90 -7.43 12.16
N ILE B 177 31.64 -7.78 12.37
CA ILE B 177 31.02 -8.83 11.57
C ILE B 177 30.87 -8.39 10.11
N SER B 178 30.40 -7.16 9.91
CA SER B 178 30.23 -6.62 8.56
C SER B 178 31.56 -6.65 7.81
N ALA B 179 32.59 -6.18 8.49
CA ALA B 179 33.91 -6.04 7.91
C ALA B 179 34.46 -7.41 7.54
N TYR B 180 34.27 -8.37 8.44
CA TYR B 180 34.79 -9.70 8.24
C TYR B 180 34.19 -10.33 6.98
N ARG B 181 32.89 -10.23 6.83
CA ARG B 181 32.24 -10.79 5.65
C ARG B 181 32.68 -10.09 4.36
N LEU B 182 32.87 -8.78 4.41
CA LEU B 182 33.33 -8.04 3.24
C LEU B 182 34.79 -8.40 2.88
N ASP B 183 35.62 -8.60 3.91
CA ASP B 183 37.00 -9.03 3.72
C ASP B 183 37.05 -10.41 3.06
N GLY B 184 36.05 -11.23 3.34
CA GLY B 184 36.00 -12.59 2.84
C GLY B 184 35.70 -12.69 1.36
N PHE B 185 35.40 -11.55 0.73
CA PHE B 185 35.12 -11.51 -0.69
C PHE B 185 36.27 -10.82 -1.44
N LYS B 186 37.26 -10.37 -0.68
CA LYS B 186 38.47 -9.77 -1.26
C LYS B 186 39.51 -10.84 -1.53
N LEU B 187 40.57 -10.46 -2.24
CA LEU B 187 41.70 -11.33 -2.47
C LEU B 187 42.58 -11.39 -1.23
N ASN B 191 50.57 -11.73 3.06
CA ASN B 191 50.66 -10.40 3.67
C ASN B 191 49.55 -10.15 4.68
N HIS B 192 49.75 -9.18 5.57
CA HIS B 192 48.75 -8.81 6.57
C HIS B 192 48.72 -7.31 6.81
N LYS B 193 47.51 -6.76 6.87
CA LYS B 193 47.33 -5.32 7.01
C LYS B 193 47.44 -4.88 8.48
N PRO B 194 47.94 -3.66 8.70
CA PRO B 194 48.01 -3.07 10.05
C PRO B 194 46.65 -3.10 10.73
N PHE B 195 46.64 -3.51 11.99
CA PHE B 195 45.42 -3.52 12.80
C PHE B 195 44.31 -4.40 12.23
N SER B 196 44.69 -5.42 11.48
CA SER B 196 43.71 -6.32 10.86
C SER B 196 42.81 -7.00 11.90
N LEU B 197 43.35 -7.29 13.08
CA LEU B 197 42.60 -7.99 14.11
C LEU B 197 41.91 -7.05 15.08
N LEU B 198 42.20 -5.77 15.01
CA LEU B 198 41.67 -4.83 15.98
C LEU B 198 40.13 -4.77 16.13
N PRO B 199 39.39 -4.73 15.01
CA PRO B 199 37.93 -4.63 15.20
C PRO B 199 37.32 -5.85 15.91
N LEU B 200 37.75 -7.05 15.52
CA LEU B 200 37.30 -8.27 16.19
C LEU B 200 37.78 -8.34 17.64
N ARG B 201 39.02 -7.95 17.90
CA ARG B 201 39.49 -7.96 19.28
C ARG B 201 38.66 -6.97 20.11
N GLN B 202 38.37 -5.81 19.54
CA GLN B 202 37.50 -4.86 20.24
C GLN B 202 36.09 -5.42 20.48
N ALA B 203 35.49 -6.00 19.43
CA ALA B 203 34.14 -6.54 19.56
C ALA B 203 34.11 -7.61 20.65
N VAL B 204 35.13 -8.45 20.69
CA VAL B 204 35.16 -9.52 21.69
C VAL B 204 35.29 -8.93 23.09
N ARG B 205 36.16 -7.92 23.24
CA ARG B 205 36.38 -7.28 24.52
C ARG B 205 35.11 -6.63 25.02
N LEU B 206 34.35 -6.04 24.11
CA LEU B 206 33.15 -5.30 24.48
C LEU B 206 31.92 -6.20 24.60
N ASN B 207 31.99 -7.39 24.02
CA ASN B 207 30.87 -8.33 24.07
C ASN B 207 31.37 -9.71 24.50
N PRO B 208 31.68 -9.88 25.79
CA PRO B 208 32.41 -11.06 26.26
C PRO B 208 31.60 -12.35 26.24
N ASP B 209 30.30 -12.29 25.99
CA ASP B 209 29.47 -13.49 25.99
C ASP B 209 29.13 -13.99 24.59
N ASN B 210 29.47 -13.21 23.57
CA ASN B 210 29.13 -13.57 22.20
C ASN B 210 30.10 -14.59 21.60
N GLY B 211 29.59 -15.79 21.37
CA GLY B 211 30.43 -16.87 20.90
C GLY B 211 30.77 -16.75 19.43
N TYR B 212 29.83 -16.23 18.65
CA TYR B 212 29.99 -16.14 17.21
C TYR B 212 31.19 -15.25 16.86
N ILE B 213 31.33 -14.11 17.53
CA ILE B 213 32.44 -13.22 17.20
C ILE B 213 33.78 -13.80 17.64
N LYS B 214 33.75 -14.64 18.69
CA LYS B 214 34.96 -15.34 19.12
C LYS B 214 35.40 -16.29 18.01
N VAL B 215 34.44 -16.93 17.36
CA VAL B 215 34.78 -17.85 16.28
C VAL B 215 35.37 -17.10 15.09
N LEU B 216 34.81 -15.94 14.74
CA LEU B 216 35.39 -15.15 13.66
C LEU B 216 36.81 -14.68 14.00
N LEU B 217 37.00 -14.24 15.23
CA LEU B 217 38.35 -13.85 15.66
C LEU B 217 39.31 -15.04 15.51
N ALA B 218 38.85 -16.22 15.91
CA ALA B 218 39.66 -17.44 15.81
C ALA B 218 40.10 -17.69 14.39
N LEU B 219 39.18 -17.50 13.45
CA LEU B 219 39.47 -17.73 12.04
C LEU B 219 40.44 -16.68 11.50
N LYS B 220 40.23 -15.43 11.90
CA LYS B 220 41.11 -14.36 11.46
C LYS B 220 42.51 -14.59 12.01
N LEU B 221 42.58 -14.97 13.29
CA LEU B 221 43.84 -15.32 13.93
C LEU B 221 44.57 -16.44 13.17
N GLN B 222 43.80 -17.42 12.72
CA GLN B 222 44.35 -18.55 11.97
C GLN B 222 44.82 -18.10 10.59
N ASP B 223 44.07 -17.21 9.96
CA ASP B 223 44.49 -16.61 8.69
C ASP B 223 45.87 -15.99 8.81
N GLU B 224 46.15 -15.45 9.99
CA GLU B 224 47.39 -14.70 10.22
C GLU B 224 48.36 -15.48 11.10
N GLY B 225 48.34 -16.80 10.94
CA GLY B 225 49.34 -17.65 11.56
C GLY B 225 49.37 -17.65 13.08
N GLN B 226 48.22 -17.41 13.70
CA GLN B 226 48.14 -17.49 15.15
C GLN B 226 47.06 -18.48 15.55
N GLU B 227 47.05 -19.61 14.86
CA GLU B 227 46.14 -20.71 15.11
C GLU B 227 46.08 -21.12 16.58
N ALA B 228 47.22 -21.12 17.25
CA ALA B 228 47.29 -21.47 18.66
C ALA B 228 46.34 -20.62 19.52
N GLU B 229 46.42 -19.30 19.38
CA GLU B 229 45.51 -18.44 20.14
C GLU B 229 44.07 -18.55 19.66
N GLY B 230 43.90 -18.76 18.36
CA GLY B 230 42.57 -18.91 17.79
C GLY B 230 41.83 -20.10 18.39
N GLU B 231 42.51 -21.22 18.55
CA GLU B 231 41.84 -22.43 19.04
C GLU B 231 41.31 -22.23 20.45
N LYS B 232 41.98 -21.38 21.21
CA LYS B 232 41.54 -21.00 22.54
C LYS B 232 40.19 -20.28 22.46
N TYR B 233 40.05 -19.38 21.49
CA TYR B 233 38.76 -18.71 21.29
C TYR B 233 37.68 -19.66 20.79
N ILE B 234 38.05 -20.57 19.90
CA ILE B 234 37.12 -21.61 19.47
C ILE B 234 36.58 -22.40 20.67
N GLU B 235 37.49 -22.87 21.51
CA GLU B 235 37.11 -23.72 22.64
C GLU B 235 36.22 -22.97 23.62
N GLU B 236 36.53 -21.70 23.87
CA GLU B 236 35.67 -20.91 24.75
C GLU B 236 34.29 -20.72 24.12
N ALA B 237 34.24 -20.47 22.83
CA ALA B 237 32.96 -20.27 22.17
C ALA B 237 32.12 -21.55 22.20
N LEU B 238 32.76 -22.68 21.92
CA LEU B 238 32.08 -23.97 21.95
C LEU B 238 31.60 -24.32 23.36
N ALA B 239 32.37 -23.91 24.37
CA ALA B 239 32.00 -24.18 25.75
C ALA B 239 30.79 -23.39 26.23
N ASN B 240 30.64 -22.13 25.83
CA ASN B 240 29.38 -21.39 26.06
C ASN B 240 28.30 -21.76 25.03
N SER B 242 24.64 -21.22 22.61
CA SER B 242 23.23 -21.60 22.79
C SER B 242 22.88 -23.04 22.43
N SER B 243 21.82 -23.17 21.65
CA SER B 243 21.30 -24.44 21.15
C SER B 243 22.17 -25.08 20.05
N GLN B 244 21.54 -25.44 18.94
CA GLN B 244 22.23 -26.07 17.82
C GLN B 244 22.77 -25.05 16.83
N THR B 245 23.39 -23.99 17.36
CA THR B 245 23.74 -22.80 16.59
C THR B 245 24.47 -23.06 15.26
N TYR B 246 24.28 -22.16 14.30
CA TYR B 246 24.91 -22.31 12.99
C TYR B 246 26.38 -21.90 12.99
N VAL B 247 26.89 -21.45 14.14
CA VAL B 247 28.30 -21.13 14.26
C VAL B 247 29.17 -22.38 14.18
N PHE B 248 28.53 -23.54 14.24
CA PHE B 248 29.24 -24.80 14.15
C PHE B 248 29.97 -24.91 12.82
N ARG B 249 29.37 -24.34 11.78
CA ARG B 249 29.96 -24.35 10.45
C ARG B 249 31.28 -23.58 10.40
N TYR B 250 31.33 -22.41 11.05
CA TYR B 250 32.57 -21.62 11.06
C TYR B 250 33.64 -22.31 11.91
N ALA B 251 33.23 -22.89 13.02
CA ALA B 251 34.16 -23.62 13.88
C ALA B 251 34.69 -24.86 13.18
N ALA B 252 33.85 -25.50 12.37
CA ALA B 252 34.28 -26.66 11.60
C ALA B 252 35.37 -26.24 10.64
N LYS B 253 35.20 -25.08 10.01
CA LYS B 253 36.19 -24.57 9.07
C LYS B 253 37.54 -24.40 9.76
N PHE B 254 37.53 -23.82 10.95
CA PHE B 254 38.75 -23.67 11.73
C PHE B 254 39.48 -25.00 11.88
N TYR B 255 38.79 -26.03 12.36
CA TYR B 255 39.43 -27.31 12.62
C TYR B 255 39.89 -27.99 11.35
N ARG B 256 39.16 -27.79 10.26
CA ARG B 256 39.51 -28.39 8.99
C ARG B 256 40.79 -27.79 8.44
N ARG B 257 40.87 -26.47 8.49
CA ARG B 257 42.07 -25.77 8.07
C ARG B 257 43.23 -26.18 8.96
N LYS B 258 42.92 -26.52 10.20
CA LYS B 258 43.94 -26.95 11.15
C LYS B 258 44.41 -28.37 10.87
N GLY B 259 43.58 -29.16 10.21
CA GLY B 259 43.89 -30.56 9.96
C GLY B 259 43.23 -31.50 10.95
N SER B 260 42.40 -30.95 11.84
CA SER B 260 41.66 -31.75 12.81
C SER B 260 40.34 -32.19 12.20
N VAL B 261 40.41 -33.12 11.26
CA VAL B 261 39.26 -33.47 10.44
C VAL B 261 38.12 -34.18 11.19
N ASP B 262 38.44 -34.94 12.24
CA ASP B 262 37.40 -35.59 13.03
C ASP B 262 36.59 -34.59 13.86
N LYS B 263 37.25 -33.55 14.36
CA LYS B 263 36.52 -32.47 15.00
C LYS B 263 35.62 -31.71 14.02
N ALA B 264 36.13 -31.40 12.84
CA ALA B 264 35.32 -30.68 11.85
C ALA B 264 34.12 -31.52 11.43
N LEU B 265 34.34 -32.82 11.31
CA LEU B 265 33.24 -33.71 10.93
C LEU B 265 32.11 -33.68 11.97
N GLU B 266 32.46 -33.81 13.24
CA GLU B 266 31.46 -33.79 14.31
C GLU B 266 30.74 -32.45 14.35
N LEU B 267 31.48 -31.36 14.13
CA LEU B 267 30.85 -30.04 14.08
C LEU B 267 29.89 -29.89 12.92
N LEU B 268 30.27 -30.40 11.74
CA LEU B 268 29.37 -30.38 10.59
C LEU B 268 28.12 -31.24 10.81
N LYS B 269 28.30 -32.40 11.45
CA LYS B 269 27.16 -33.25 11.79
C LYS B 269 26.19 -32.46 12.65
N LYS B 270 26.74 -31.77 13.65
CA LYS B 270 25.93 -30.96 14.55
C LYS B 270 25.23 -29.81 13.84
N ALA B 271 25.88 -29.24 12.83
CA ALA B 271 25.28 -28.14 12.06
C ALA B 271 24.02 -28.60 11.33
N LEU B 272 23.91 -29.91 11.16
CA LEU B 272 22.73 -30.52 10.56
C LEU B 272 21.84 -31.11 11.65
#